data_7X3Z
#
_entry.id   7X3Z
#
_cell.length_a   43.050
_cell.length_b   108.150
_cell.length_c   117.040
_cell.angle_alpha   90.00
_cell.angle_beta   90.00
_cell.angle_gamma   90.00
#
_symmetry.space_group_name_H-M   'P 21 21 21'
#
loop_
_entity.id
_entity.type
_entity.pdbx_description
1 polymer '17-beta-hydroxysteroid dehydrogenase type 1'
2 non-polymer NICOTINAMIDE-ADENINE-DINUCLEOTIDE
3 non-polymer (9beta,13alpha)-3-hydroxyestra-1,3,5(10)-trien-17-one
4 water water
#
_entity_poly.entity_id   1
_entity_poly.type   'polypeptide(L)'
_entity_poly.pdbx_seq_one_letter_code
;MARTVVLITGCSSGIGLHLAVRLASDPSQSFKVYATLRDLKTQGRLWEAARALACPPGSLETLQLDVRDSKSVAAARERV
TEGRVDVLVCNAGLGLLGPLEALGEDAVASVLDVNVVGTVRMLQAFLPDMKRRGSGRVLVTGSVGGLMGLPFNDVYCASK
FALEGLCESLAVLLLPFGVHLSLIECGPVHTAFMEKVLGSPEEVLDRTDIHTFHRFYQYLAHSKQVFREAAQNPEEVAEV
FLTALRAPKPTLRYFTTERFLPLLRMRLDDPSGSNYVTAMHREVFGDVPAKAEAGAEAGGGAGPGAEDEAGRGAVGDPEL
GDPPAAPQ
;
_entity_poly.pdbx_strand_id   A,B
#
loop_
_chem_comp.id
_chem_comp.type
_chem_comp.name
_chem_comp.formula
J3Z non-polymer (9beta,13alpha)-3-hydroxyestra-1,3,5(10)-trien-17-one 'C18 H22 O2'
NAD non-polymer NICOTINAMIDE-ADENINE-DINUCLEOTIDE 'C21 H27 N7 O14 P2'
#
# COMPACT_ATOMS: atom_id res chain seq x y z
N ALA A 2 20.53 -28.07 17.33
CA ALA A 2 19.48 -27.99 16.29
C ALA A 2 19.49 -26.60 15.67
N ARG A 3 19.39 -26.59 14.34
CA ARG A 3 19.65 -25.41 13.52
C ARG A 3 18.46 -24.48 13.52
N THR A 4 18.71 -23.24 13.07
CA THR A 4 17.66 -22.27 12.83
C THR A 4 17.08 -22.60 11.47
N VAL A 5 15.78 -22.93 11.46
CA VAL A 5 15.07 -23.15 10.21
C VAL A 5 14.64 -21.83 9.58
N VAL A 6 15.06 -21.64 8.31
CA VAL A 6 14.79 -20.46 7.51
C VAL A 6 13.97 -20.87 6.30
N LEU A 7 12.93 -20.10 5.98
CA LEU A 7 12.21 -20.30 4.73
C LEU A 7 12.16 -18.95 4.03
N ILE A 8 12.43 -18.97 2.72
CA ILE A 8 12.63 -17.75 1.98
C ILE A 8 11.84 -17.86 0.69
N THR A 9 11.12 -16.80 0.33
CA THR A 9 10.38 -16.79 -0.92
C THR A 9 11.18 -16.04 -1.98
N GLY A 10 10.98 -16.40 -3.26
CA GLY A 10 11.59 -15.69 -4.37
C GLY A 10 13.12 -15.85 -4.42
N CYS A 11 13.61 -17.09 -4.37
CA CYS A 11 15.03 -17.41 -4.40
C CYS A 11 15.63 -17.80 -5.76
N SER A 12 14.89 -17.57 -6.86
CA SER A 12 15.39 -17.90 -8.19
C SER A 12 16.47 -16.91 -8.63
N SER A 13 16.47 -15.72 -8.03
CA SER A 13 17.45 -14.71 -8.41
C SER A 13 17.52 -13.63 -7.35
N GLY A 14 18.51 -12.75 -7.55
CA GLY A 14 18.61 -11.51 -6.80
C GLY A 14 18.88 -11.73 -5.31
N ILE A 15 18.20 -10.95 -4.47
CA ILE A 15 18.37 -10.95 -3.03
C ILE A 15 18.09 -12.32 -2.42
N GLY A 16 16.96 -12.93 -2.79
CA GLY A 16 16.55 -14.23 -2.25
C GLY A 16 17.57 -15.33 -2.56
N LEU A 17 18.08 -15.37 -3.79
CA LEU A 17 19.13 -16.32 -4.13
C LEU A 17 20.33 -16.17 -3.21
N HIS A 18 20.89 -14.95 -3.14
CA HIS A 18 22.16 -14.68 -2.46
C HIS A 18 21.94 -14.84 -0.96
N LEU A 19 20.76 -14.47 -0.45
CA LEU A 19 20.55 -14.55 0.99
C LEU A 19 20.50 -16.02 1.40
N ALA A 20 19.81 -16.86 0.60
CA ALA A 20 19.70 -18.30 0.87
C ALA A 20 21.04 -19.06 0.95
N VAL A 21 21.94 -18.77 0.03
CA VAL A 21 23.24 -19.42 0.02
C VAL A 21 24.15 -18.79 1.08
N ARG A 22 23.96 -17.50 1.37
CA ARG A 22 24.71 -16.85 2.42
C ARG A 22 24.43 -17.53 3.77
N LEU A 23 23.18 -17.89 4.01
CA LEU A 23 22.78 -18.51 5.28
C LEU A 23 23.19 -19.99 5.36
N ALA A 24 22.91 -20.72 4.28
CA ALA A 24 23.29 -22.11 4.17
C ALA A 24 24.81 -22.31 4.32
N SER A 25 25.63 -21.46 3.67
CA SER A 25 27.08 -21.60 3.72
C SER A 25 27.72 -20.97 4.95
N ASP A 26 26.94 -20.32 5.85
CA ASP A 26 27.52 -19.66 7.01
C ASP A 26 28.43 -20.64 7.78
N PRO A 27 29.70 -20.23 8.08
CA PRO A 27 30.68 -21.11 8.74
C PRO A 27 30.25 -21.76 10.07
N SER A 28 29.31 -21.11 10.78
CA SER A 28 28.73 -21.64 12.01
C SER A 28 27.86 -22.87 11.75
N GLN A 29 27.33 -22.98 10.53
CA GLN A 29 26.44 -24.09 10.18
C GLN A 29 25.19 -24.08 11.08
N SER A 30 24.77 -22.88 11.50
CA SER A 30 23.58 -22.70 12.31
C SER A 30 22.28 -22.82 11.52
N PHE A 31 22.33 -22.67 10.18
CA PHE A 31 21.12 -22.44 9.40
C PHE A 31 20.76 -23.62 8.51
N LYS A 32 19.48 -23.96 8.62
CA LYS A 32 18.81 -24.83 7.69
C LYS A 32 17.84 -24.02 6.83
N VAL A 33 18.13 -23.97 5.53
CA VAL A 33 17.43 -23.10 4.62
C VAL A 33 16.53 -23.88 3.69
N TYR A 34 15.23 -23.51 3.71
CA TYR A 34 14.30 -23.79 2.63
C TYR A 34 14.19 -22.61 1.66
N ALA A 35 14.78 -22.78 0.47
CA ALA A 35 14.74 -21.76 -0.55
C ALA A 35 13.56 -22.12 -1.41
N THR A 36 12.58 -21.22 -1.51
CA THR A 36 11.39 -21.53 -2.28
C THR A 36 11.37 -20.68 -3.54
N LEU A 37 10.82 -21.27 -4.59
CA LEU A 37 10.81 -20.73 -5.93
C LEU A 37 9.39 -20.94 -6.45
N ARG A 38 8.93 -19.98 -7.22
CA ARG A 38 7.66 -20.11 -7.89
C ARG A 38 7.69 -21.27 -8.88
N ASP A 39 8.77 -21.36 -9.68
CA ASP A 39 8.89 -22.44 -10.64
C ASP A 39 10.23 -23.14 -10.42
N LEU A 40 10.20 -24.44 -10.06
CA LEU A 40 11.43 -25.16 -9.77
C LEU A 40 12.37 -25.23 -10.98
N LYS A 41 11.91 -24.99 -12.18
CA LYS A 41 12.80 -25.04 -13.33
C LYS A 41 13.85 -23.93 -13.34
N THR A 42 13.68 -22.90 -12.51
CA THR A 42 14.55 -21.74 -12.46
C THR A 42 15.58 -21.92 -11.33
N GLN A 43 15.66 -23.11 -10.73
CA GLN A 43 16.53 -23.29 -9.58
C GLN A 43 18.02 -23.44 -9.95
N GLY A 44 18.35 -23.35 -11.24
CA GLY A 44 19.72 -23.60 -11.66
C GLY A 44 20.74 -22.63 -11.05
N ARG A 45 20.55 -21.32 -11.19
CA ARG A 45 21.52 -20.37 -10.67
C ARG A 45 21.70 -20.52 -9.16
N LEU A 46 20.64 -20.93 -8.45
CA LEU A 46 20.73 -21.10 -7.03
C LEU A 46 21.66 -22.25 -6.70
N TRP A 47 21.65 -23.35 -7.48
CA TRP A 47 22.51 -24.47 -7.12
C TRP A 47 23.95 -24.22 -7.55
N GLU A 48 24.16 -23.49 -8.67
CA GLU A 48 25.48 -22.99 -9.08
C GLU A 48 26.10 -22.18 -7.93
N ALA A 49 25.31 -21.28 -7.33
CA ALA A 49 25.78 -20.41 -6.27
C ALA A 49 26.03 -21.19 -4.98
N ALA A 50 25.14 -22.15 -4.67
CA ALA A 50 25.33 -22.99 -3.49
C ALA A 50 26.70 -23.68 -3.51
N ARG A 51 27.08 -24.24 -4.67
CA ARG A 51 28.34 -24.95 -4.83
C ARG A 51 29.51 -23.96 -4.78
N ALA A 52 29.40 -22.82 -5.48
CA ALA A 52 30.46 -21.82 -5.46
C ALA A 52 30.74 -21.33 -4.05
N LEU A 53 29.76 -21.34 -3.14
CA LEU A 53 30.05 -20.98 -1.76
C LEU A 53 30.19 -22.23 -0.91
N ALA A 54 30.02 -23.40 -1.52
CA ALA A 54 30.23 -24.68 -0.84
C ALA A 54 29.31 -24.84 0.37
N CYS A 55 28.00 -24.73 0.16
CA CYS A 55 27.08 -24.92 1.27
C CYS A 55 27.14 -26.37 1.70
N PRO A 56 27.32 -26.71 2.98
CA PRO A 56 27.28 -28.13 3.39
C PRO A 56 26.05 -28.85 2.85
N PRO A 57 26.17 -30.15 2.49
CA PRO A 57 25.01 -31.05 2.31
C PRO A 57 23.98 -30.98 3.42
N GLY A 58 22.70 -30.89 3.08
CA GLY A 58 21.59 -30.76 4.03
C GLY A 58 21.29 -29.32 4.50
N SER A 59 22.19 -28.36 4.21
CA SER A 59 22.07 -26.95 4.56
C SER A 59 21.04 -26.17 3.72
N LEU A 60 20.72 -26.67 2.50
CA LEU A 60 19.85 -25.98 1.57
C LEU A 60 18.92 -26.97 0.87
N GLU A 61 17.61 -26.70 0.86
CA GLU A 61 16.62 -27.47 0.13
C GLU A 61 15.75 -26.50 -0.68
N THR A 62 15.28 -26.93 -1.85
CA THR A 62 14.32 -26.17 -2.64
C THR A 62 12.90 -26.74 -2.50
N LEU A 63 11.92 -25.82 -2.44
CA LEU A 63 10.50 -26.12 -2.50
C LEU A 63 9.84 -25.26 -3.58
N GLN A 64 8.79 -25.80 -4.21
CA GLN A 64 7.92 -24.97 -5.02
C GLN A 64 7.00 -24.25 -4.02
N LEU A 65 7.00 -22.91 -4.12
CA LEU A 65 6.02 -22.07 -3.43
C LEU A 65 5.67 -20.87 -4.28
N ASP A 66 4.41 -20.89 -4.75
CA ASP A 66 3.77 -19.81 -5.47
C ASP A 66 2.84 -19.03 -4.54
N VAL A 67 3.23 -17.76 -4.29
CA VAL A 67 2.61 -16.94 -3.26
C VAL A 67 1.23 -16.46 -3.70
N ARG A 68 0.83 -16.71 -4.96
CA ARG A 68 -0.52 -16.39 -5.45
C ARG A 68 -1.53 -17.47 -5.05
N ASP A 69 -1.05 -18.60 -4.54
CA ASP A 69 -1.86 -19.80 -4.37
C ASP A 69 -1.69 -20.30 -2.94
N SER A 70 -2.75 -20.26 -2.14
CA SER A 70 -2.58 -20.53 -0.73
C SER A 70 -2.41 -22.03 -0.47
N LYS A 71 -2.72 -22.84 -1.50
CA LYS A 71 -2.46 -24.28 -1.52
C LYS A 71 -0.98 -24.56 -1.74
N SER A 72 -0.35 -23.81 -2.65
CA SER A 72 1.08 -23.96 -2.83
C SER A 72 1.77 -23.61 -1.51
N VAL A 73 1.27 -22.57 -0.82
CA VAL A 73 1.85 -22.13 0.43
C VAL A 73 1.71 -23.23 1.49
N ALA A 74 0.51 -23.83 1.66
CA ALA A 74 0.28 -24.86 2.66
C ALA A 74 1.19 -26.07 2.43
N ALA A 75 1.30 -26.49 1.17
CA ALA A 75 2.00 -27.69 0.80
C ALA A 75 3.49 -27.58 1.05
N ALA A 76 4.06 -26.37 0.89
CA ALA A 76 5.46 -26.11 1.23
C ALA A 76 5.64 -26.05 2.74
N ARG A 77 4.70 -25.44 3.45
CA ARG A 77 4.75 -25.48 4.89
C ARG A 77 4.90 -26.90 5.42
N GLU A 78 4.13 -27.83 4.82
CA GLU A 78 4.09 -29.21 5.26
C GLU A 78 5.39 -29.94 4.93
N ARG A 79 6.14 -29.47 3.92
CA ARG A 79 7.37 -30.12 3.50
C ARG A 79 8.52 -29.70 4.41
N VAL A 80 8.22 -28.93 5.46
CA VAL A 80 9.19 -28.48 6.45
C VAL A 80 9.30 -29.56 7.54
N THR A 81 10.28 -30.44 7.34
CA THR A 81 10.43 -31.70 8.07
C THR A 81 10.55 -31.44 9.58
N GLU A 82 11.24 -30.35 9.95
CA GLU A 82 11.42 -29.95 11.35
C GLU A 82 10.11 -29.45 11.96
N GLY A 83 9.15 -29.09 11.09
CA GLY A 83 7.79 -28.77 11.49
C GLY A 83 7.72 -27.49 12.30
N ARG A 84 8.72 -26.62 12.17
CA ARG A 84 8.58 -25.22 12.56
C ARG A 84 9.50 -24.35 11.69
N VAL A 85 9.20 -23.05 11.70
CA VAL A 85 10.05 -22.06 11.06
C VAL A 85 10.46 -21.02 12.10
N ASP A 86 11.79 -20.82 12.16
CA ASP A 86 12.44 -19.89 13.05
C ASP A 86 12.56 -18.54 12.35
N VAL A 87 12.95 -18.58 11.07
CA VAL A 87 13.05 -17.35 10.30
C VAL A 87 12.30 -17.45 8.98
N LEU A 88 11.37 -16.50 8.78
CA LEU A 88 10.58 -16.41 7.56
C LEU A 88 11.00 -15.15 6.82
N VAL A 89 11.37 -15.30 5.53
CA VAL A 89 11.75 -14.16 4.70
C VAL A 89 10.78 -14.01 3.54
N CYS A 90 9.97 -12.95 3.61
CA CYS A 90 8.99 -12.62 2.59
C CYS A 90 9.70 -11.68 1.65
N ASN A 91 10.21 -12.28 0.60
CA ASN A 91 11.10 -11.62 -0.31
C ASN A 91 10.45 -11.56 -1.67
N ALA A 92 9.55 -12.50 -1.97
CA ALA A 92 9.00 -12.59 -3.33
C ALA A 92 8.33 -11.25 -3.68
N GLY A 93 8.43 -10.86 -4.96
CA GLY A 93 8.03 -9.52 -5.37
C GLY A 93 8.12 -9.31 -6.88
N LEU A 94 7.21 -8.48 -7.40
CA LEU A 94 7.19 -8.06 -8.80
C LEU A 94 7.34 -6.54 -8.87
N GLY A 95 7.96 -6.10 -9.97
CA GLY A 95 8.01 -4.69 -10.30
C GLY A 95 7.02 -4.38 -11.41
N LEU A 96 6.77 -3.08 -11.65
CA LEU A 96 5.91 -2.67 -12.75
C LEU A 96 6.16 -1.21 -13.07
N LEU A 97 6.52 -0.99 -14.34
CA LEU A 97 7.13 0.24 -14.78
C LEU A 97 6.42 0.70 -16.05
N GLY A 98 6.01 1.96 -16.03
CA GLY A 98 5.25 2.54 -17.14
C GLY A 98 4.28 3.63 -16.67
N PRO A 99 3.70 4.41 -17.62
CA PRO A 99 2.66 5.39 -17.27
C PRO A 99 1.41 4.62 -16.81
N LEU A 100 0.77 5.11 -15.74
CA LEU A 100 -0.35 4.37 -15.16
C LEU A 100 -1.36 3.92 -16.22
N GLU A 101 -1.72 4.86 -17.11
CA GLU A 101 -2.83 4.63 -18.03
C GLU A 101 -2.44 3.62 -19.12
N ALA A 102 -1.15 3.27 -19.25
CA ALA A 102 -0.65 2.24 -20.16
C ALA A 102 -0.51 0.83 -19.54
N LEU A 103 -0.69 0.69 -18.23
CA LEU A 103 -0.52 -0.60 -17.58
C LEU A 103 -1.80 -1.42 -17.75
N GLY A 104 -1.69 -2.68 -18.11
CA GLY A 104 -2.88 -3.54 -18.11
C GLY A 104 -3.43 -3.75 -16.71
N GLU A 105 -4.75 -3.88 -16.62
CA GLU A 105 -5.51 -4.13 -15.40
C GLU A 105 -5.05 -5.42 -14.71
N ASP A 106 -4.67 -6.40 -15.54
CA ASP A 106 -4.21 -7.72 -15.11
C ASP A 106 -2.83 -7.63 -14.48
N ALA A 107 -1.93 -6.82 -15.08
CA ALA A 107 -0.60 -6.57 -14.53
C ALA A 107 -0.69 -5.83 -13.19
N VAL A 108 -1.61 -4.89 -13.08
CA VAL A 108 -1.78 -4.13 -11.85
C VAL A 108 -2.24 -5.05 -10.73
N ALA A 109 -3.23 -5.89 -10.99
CA ALA A 109 -3.78 -6.77 -9.97
C ALA A 109 -2.75 -7.83 -9.55
N SER A 110 -1.95 -8.29 -10.50
CA SER A 110 -0.91 -9.29 -10.21
C SER A 110 0.13 -8.76 -9.26
N VAL A 111 0.53 -7.50 -9.44
CA VAL A 111 1.52 -6.89 -8.59
C VAL A 111 1.00 -6.81 -7.17
N LEU A 112 -0.21 -6.31 -6.95
CA LEU A 112 -0.81 -6.29 -5.61
C LEU A 112 -0.89 -7.74 -5.08
N ASP A 113 -1.33 -8.68 -5.92
CA ASP A 113 -1.58 -10.06 -5.49
C ASP A 113 -0.28 -10.74 -5.01
N VAL A 114 0.86 -10.46 -5.66
CA VAL A 114 2.12 -11.10 -5.33
C VAL A 114 2.75 -10.39 -4.15
N ASN A 115 2.89 -9.07 -4.24
CA ASN A 115 3.69 -8.29 -3.32
C ASN A 115 2.96 -8.06 -1.99
N VAL A 116 1.64 -7.98 -2.06
CA VAL A 116 0.87 -7.61 -0.91
C VAL A 116 0.13 -8.87 -0.46
N VAL A 117 -0.73 -9.43 -1.32
CA VAL A 117 -1.60 -10.52 -0.87
C VAL A 117 -0.73 -11.74 -0.62
N GLY A 118 0.35 -11.86 -1.42
CA GLY A 118 1.25 -12.99 -1.31
C GLY A 118 1.85 -13.03 0.08
N THR A 119 2.19 -11.85 0.59
CA THR A 119 2.85 -11.71 1.88
C THR A 119 1.87 -11.97 3.01
N VAL A 120 0.61 -11.54 2.83
CA VAL A 120 -0.50 -11.90 3.69
C VAL A 120 -0.64 -13.42 3.77
N ARG A 121 -0.67 -14.11 2.63
CA ARG A 121 -0.79 -15.57 2.61
C ARG A 121 0.31 -16.27 3.43
N MET A 122 1.56 -15.79 3.33
CA MET A 122 2.69 -16.40 4.02
C MET A 122 2.58 -16.15 5.52
N LEU A 123 2.16 -14.94 5.90
CA LEU A 123 1.95 -14.61 7.31
C LEU A 123 0.78 -15.43 7.88
N GLN A 124 -0.29 -15.61 7.12
CA GLN A 124 -1.40 -16.46 7.60
C GLN A 124 -0.96 -17.91 7.82
N ALA A 125 -0.20 -18.51 6.88
CA ALA A 125 0.30 -19.87 7.07
C ALA A 125 1.30 -20.03 8.23
N PHE A 126 2.23 -19.08 8.39
CA PHE A 126 3.39 -19.27 9.25
C PHE A 126 3.33 -18.48 10.56
N LEU A 127 2.72 -17.29 10.60
CA LEU A 127 2.74 -16.46 11.81
C LEU A 127 2.14 -17.17 13.02
N PRO A 128 0.97 -17.85 12.94
CA PRO A 128 0.37 -18.45 14.15
C PRO A 128 1.35 -19.30 14.95
N ASP A 129 2.09 -20.17 14.26
CA ASP A 129 2.99 -21.08 14.95
C ASP A 129 4.06 -20.34 15.73
N MET A 130 4.52 -19.22 15.18
CA MET A 130 5.52 -18.42 15.85
C MET A 130 4.93 -17.81 17.12
N LYS A 131 3.71 -17.31 16.98
CA LYS A 131 2.95 -16.71 18.07
C LYS A 131 2.73 -17.69 19.23
N ARG A 132 2.21 -18.88 18.91
CA ARG A 132 1.98 -19.97 19.83
C ARG A 132 3.29 -20.33 20.55
N ARG A 133 4.32 -20.69 19.78
CA ARG A 133 5.65 -21.01 20.29
C ARG A 133 6.23 -19.86 21.11
N GLY A 134 5.96 -18.61 20.74
CA GLY A 134 6.51 -17.46 21.44
C GLY A 134 7.86 -17.02 20.88
N SER A 135 8.27 -17.51 19.68
CA SER A 135 9.48 -17.03 19.05
C SER A 135 9.39 -17.08 17.51
N GLY A 136 10.28 -16.34 16.83
CA GLY A 136 10.36 -16.32 15.37
C GLY A 136 10.79 -14.94 14.86
N ARG A 137 11.46 -14.93 13.70
CA ARG A 137 11.79 -13.71 13.02
C ARG A 137 11.08 -13.69 11.67
N VAL A 138 10.45 -12.56 11.35
CA VAL A 138 9.95 -12.36 10.01
C VAL A 138 10.74 -11.21 9.42
N LEU A 139 11.32 -11.43 8.24
CA LEU A 139 12.02 -10.38 7.53
C LEU A 139 11.28 -10.19 6.21
N VAL A 140 10.95 -8.95 5.85
CA VAL A 140 10.25 -8.66 4.62
C VAL A 140 11.15 -7.74 3.79
N THR A 141 11.48 -8.12 2.55
CA THR A 141 12.15 -7.21 1.63
C THR A 141 11.28 -6.00 1.31
N GLY A 142 11.70 -4.83 1.82
CA GLY A 142 11.07 -3.55 1.54
C GLY A 142 11.85 -2.81 0.46
N SER A 143 11.37 -1.64 0.10
CA SER A 143 11.97 -0.88 -0.98
C SER A 143 12.01 0.59 -0.64
N VAL A 144 12.90 1.32 -1.32
CA VAL A 144 12.92 2.78 -1.25
C VAL A 144 11.56 3.30 -1.74
N GLY A 145 11.00 2.70 -2.80
CA GLY A 145 9.67 3.04 -3.27
C GLY A 145 8.49 2.68 -2.35
N GLY A 146 8.74 2.14 -1.13
CA GLY A 146 7.70 1.88 -0.14
C GLY A 146 7.75 2.97 0.93
N LEU A 147 8.69 3.89 0.66
CA LEU A 147 8.98 5.02 1.51
C LEU A 147 8.67 6.33 0.77
N MET A 148 8.67 6.32 -0.57
CA MET A 148 8.50 7.58 -1.27
C MET A 148 8.16 7.27 -2.71
N GLY A 149 7.23 8.04 -3.28
CA GLY A 149 6.68 7.64 -4.55
C GLY A 149 7.67 7.96 -5.65
N LEU A 150 7.63 7.13 -6.70
CA LEU A 150 8.56 7.18 -7.79
C LEU A 150 7.74 7.26 -9.06
N PRO A 151 7.97 8.28 -9.91
CA PRO A 151 7.20 8.44 -11.13
C PRO A 151 7.33 7.21 -12.04
N PHE A 152 6.17 6.78 -12.52
CA PHE A 152 6.08 5.69 -13.47
C PHE A 152 6.24 4.34 -12.75
N ASN A 153 6.46 4.39 -11.42
CA ASN A 153 6.36 3.21 -10.56
C ASN A 153 5.13 3.29 -9.65
N ASP A 154 3.99 3.76 -10.15
CA ASP A 154 2.89 4.11 -9.25
C ASP A 154 2.35 2.89 -8.50
N VAL A 155 2.28 1.74 -9.18
CA VAL A 155 1.65 0.57 -8.64
C VAL A 155 2.69 -0.20 -7.86
N TYR A 156 3.94 -0.13 -8.33
CA TYR A 156 5.03 -0.76 -7.61
C TYR A 156 5.07 -0.20 -6.19
N CYS A 157 5.14 1.14 -6.12
CA CYS A 157 5.18 1.91 -4.88
C CYS A 157 3.93 1.68 -4.02
N ALA A 158 2.76 1.57 -4.66
CA ALA A 158 1.53 1.25 -3.96
C ALA A 158 1.69 -0.05 -3.16
N SER A 159 2.22 -1.07 -3.84
CA SER A 159 2.38 -2.39 -3.26
C SER A 159 3.40 -2.37 -2.13
N LYS A 160 4.44 -1.52 -2.27
CA LYS A 160 5.59 -1.44 -1.37
C LYS A 160 5.24 -0.60 -0.13
N PHE A 161 4.50 0.49 -0.35
CA PHE A 161 3.84 1.19 0.75
C PHE A 161 2.87 0.28 1.48
N ALA A 162 2.04 -0.47 0.73
CA ALA A 162 1.11 -1.44 1.31
C ALA A 162 1.80 -2.40 2.28
N LEU A 163 3.05 -2.78 1.97
CA LEU A 163 3.84 -3.63 2.87
C LEU A 163 4.22 -2.89 4.14
N GLU A 164 4.66 -1.63 3.98
CA GLU A 164 4.95 -0.79 5.12
C GLU A 164 3.77 -0.81 6.08
N GLY A 165 2.55 -0.60 5.56
CA GLY A 165 1.35 -0.48 6.36
C GLY A 165 0.97 -1.82 6.98
N LEU A 166 1.11 -2.92 6.22
CA LEU A 166 0.79 -4.25 6.70
C LEU A 166 1.70 -4.61 7.85
N CYS A 167 3.01 -4.35 7.63
CA CYS A 167 4.07 -4.81 8.51
C CYS A 167 4.12 -3.99 9.81
N GLU A 168 3.89 -2.68 9.71
CA GLU A 168 3.89 -1.77 10.83
C GLU A 168 2.70 -2.06 11.73
N SER A 169 1.56 -2.40 11.11
CA SER A 169 0.34 -2.71 11.86
C SER A 169 0.58 -3.96 12.68
N LEU A 170 0.96 -5.05 12.01
CA LEU A 170 1.35 -6.28 12.66
C LEU A 170 2.38 -6.02 13.76
N ALA A 171 3.43 -5.28 13.43
CA ALA A 171 4.54 -5.09 14.34
C ALA A 171 4.04 -4.49 15.66
N VAL A 172 3.06 -3.57 15.59
CA VAL A 172 2.49 -2.99 16.79
C VAL A 172 1.90 -4.12 17.64
N LEU A 173 1.21 -5.08 17.03
CA LEU A 173 0.64 -6.18 17.78
C LEU A 173 1.72 -7.12 18.29
N LEU A 174 2.82 -7.26 17.55
CA LEU A 174 3.79 -8.32 17.81
C LEU A 174 4.89 -7.89 18.79
N LEU A 175 4.94 -6.61 19.16
CA LEU A 175 5.96 -6.05 20.05
C LEU A 175 6.23 -6.95 21.26
N PRO A 176 5.20 -7.41 22.02
CA PRO A 176 5.43 -8.26 23.21
C PRO A 176 5.30 -9.78 23.11
N PHE A 177 5.40 -10.33 21.89
CA PHE A 177 5.08 -11.71 21.60
C PHE A 177 6.34 -12.57 21.46
N GLY A 178 7.51 -11.93 21.36
CA GLY A 178 8.78 -12.62 21.09
C GLY A 178 9.00 -12.90 19.61
N VAL A 179 8.03 -12.51 18.76
CA VAL A 179 8.10 -12.60 17.31
C VAL A 179 8.54 -11.23 16.81
N HIS A 180 9.61 -11.22 16.03
CA HIS A 180 10.23 -9.98 15.60
C HIS A 180 10.06 -9.85 14.09
N LEU A 181 9.25 -8.87 13.69
CA LEU A 181 9.06 -8.46 12.30
C LEU A 181 9.91 -7.23 12.01
N SER A 182 10.69 -7.28 10.91
CA SER A 182 11.56 -6.21 10.47
C SER A 182 11.46 -6.11 8.94
N LEU A 183 11.56 -4.88 8.41
CA LEU A 183 11.60 -4.66 6.98
C LEU A 183 13.04 -4.33 6.59
N ILE A 184 13.48 -4.81 5.43
CA ILE A 184 14.80 -4.48 4.95
C ILE A 184 14.67 -3.59 3.72
N GLU A 185 14.95 -2.29 3.91
CA GLU A 185 14.69 -1.29 2.90
C GLU A 185 15.88 -1.17 1.96
N CYS A 186 15.65 -1.54 0.70
CA CYS A 186 16.65 -1.70 -0.33
C CYS A 186 16.48 -0.60 -1.38
N GLY A 187 17.57 0.11 -1.70
CA GLY A 187 17.64 0.86 -2.94
C GLY A 187 17.84 -0.10 -4.11
N PRO A 188 18.22 0.38 -5.32
CA PRO A 188 18.48 -0.53 -6.45
C PRO A 188 19.60 -1.52 -6.14
N VAL A 189 19.58 -2.67 -6.84
CA VAL A 189 20.43 -3.82 -6.56
C VAL A 189 20.77 -4.56 -7.88
N HIS A 190 22.04 -4.94 -8.11
CA HIS A 190 22.44 -5.81 -9.22
C HIS A 190 22.18 -7.30 -8.91
N THR A 191 21.39 -7.99 -9.74
CA THR A 191 20.84 -9.28 -9.35
C THR A 191 21.68 -10.45 -9.88
N GLY A 199 5.35 -3.18 -21.49
CA GLY A 199 4.91 -2.93 -22.88
C GLY A 199 6.03 -2.42 -23.78
N SER A 200 5.99 -2.83 -25.06
CA SER A 200 6.88 -2.29 -26.09
C SER A 200 6.47 -0.87 -26.47
N PRO A 201 7.37 -0.08 -27.11
CA PRO A 201 7.17 1.36 -27.18
C PRO A 201 5.92 1.84 -27.94
N GLU A 202 5.36 1.04 -28.86
CA GLU A 202 4.17 1.44 -29.62
C GLU A 202 2.90 1.14 -28.81
N GLU A 203 2.90 0.09 -27.97
CA GLU A 203 1.80 -0.06 -27.03
C GLU A 203 1.82 1.14 -26.08
N VAL A 204 2.99 1.53 -25.59
CA VAL A 204 3.11 2.66 -24.67
C VAL A 204 2.65 3.95 -25.33
N LEU A 205 2.94 4.11 -26.64
CA LEU A 205 2.59 5.33 -27.36
C LEU A 205 1.08 5.38 -27.57
N ASP A 206 0.48 4.27 -28.04
CA ASP A 206 -0.95 4.22 -28.32
C ASP A 206 -1.73 4.63 -27.07
N ARG A 207 -1.31 4.09 -25.90
CA ARG A 207 -2.12 4.15 -24.68
C ARG A 207 -1.81 5.40 -23.87
N THR A 208 -0.92 6.28 -24.34
CA THR A 208 -0.68 7.52 -23.62
C THR A 208 -0.47 8.70 -24.57
N ASP A 209 -0.46 9.91 -23.98
CA ASP A 209 -0.24 11.16 -24.71
C ASP A 209 1.23 11.28 -25.08
N ILE A 210 1.56 12.21 -25.99
CA ILE A 210 2.92 12.44 -26.50
C ILE A 210 3.87 12.96 -25.41
N HIS A 211 3.39 13.82 -24.51
CA HIS A 211 4.22 14.42 -23.48
C HIS A 211 4.63 13.40 -22.40
N THR A 212 3.69 12.52 -21.98
CA THR A 212 4.00 11.46 -21.02
C THR A 212 5.01 10.47 -21.64
N PHE A 213 4.80 10.15 -22.93
CA PHE A 213 5.66 9.27 -23.70
C PHE A 213 7.12 9.74 -23.64
N HIS A 214 7.32 11.04 -23.89
CA HIS A 214 8.62 11.69 -23.82
C HIS A 214 9.17 11.59 -22.40
N ARG A 215 8.36 11.96 -21.40
CA ARG A 215 8.80 11.99 -20.00
C ARG A 215 9.16 10.57 -19.53
N PHE A 216 8.51 9.54 -20.10
CA PHE A 216 8.73 8.16 -19.66
C PHE A 216 10.09 7.63 -20.12
N TYR A 217 10.43 7.87 -21.40
CA TYR A 217 11.70 7.40 -21.94
C TYR A 217 12.83 8.32 -21.49
N GLN A 218 12.51 9.58 -21.13
CA GLN A 218 13.36 10.44 -20.29
C GLN A 218 13.61 9.83 -18.91
N TYR A 219 12.55 9.33 -18.25
CA TYR A 219 12.70 8.75 -16.93
C TYR A 219 13.59 7.50 -16.98
N LEU A 220 13.36 6.63 -17.98
CA LEU A 220 14.18 5.47 -18.22
C LEU A 220 15.65 5.85 -18.47
N ALA A 221 15.89 6.93 -19.23
CA ALA A 221 17.27 7.42 -19.41
C ALA A 221 17.88 7.77 -18.04
N HIS A 222 17.19 8.58 -17.23
CA HIS A 222 17.68 8.97 -15.91
C HIS A 222 17.84 7.75 -15.00
N SER A 223 16.85 6.85 -15.02
CA SER A 223 16.80 5.70 -14.14
C SER A 223 18.04 4.82 -14.33
N LYS A 224 18.34 4.47 -15.60
CA LYS A 224 19.49 3.63 -15.94
C LYS A 224 20.79 4.22 -15.39
N GLN A 225 20.92 5.55 -15.38
CA GLN A 225 22.15 6.18 -14.92
C GLN A 225 22.22 6.05 -13.40
N VAL A 226 21.18 6.47 -12.68
CA VAL A 226 21.12 6.22 -11.24
C VAL A 226 21.49 4.76 -10.91
N PHE A 227 20.99 3.78 -11.68
CA PHE A 227 21.21 2.36 -11.39
C PHE A 227 22.69 1.97 -11.57
N ARG A 228 23.37 2.57 -12.56
CA ARG A 228 24.80 2.35 -12.77
C ARG A 228 25.60 2.93 -11.60
N GLU A 229 25.29 4.15 -11.15
CA GLU A 229 25.90 4.74 -9.97
C GLU A 229 25.58 3.95 -8.68
N ALA A 230 24.33 3.43 -8.54
CA ALA A 230 23.67 3.29 -7.25
C ALA A 230 23.43 1.84 -6.81
N ALA A 231 23.47 0.90 -7.75
CA ALA A 231 23.06 -0.47 -7.51
C ALA A 231 24.08 -1.22 -6.64
N GLN A 232 23.56 -1.84 -5.55
CA GLN A 232 24.37 -2.58 -4.59
C GLN A 232 24.58 -4.01 -5.07
N ASN A 233 25.77 -4.55 -4.75
CA ASN A 233 25.97 -5.96 -4.54
C ASN A 233 24.81 -6.52 -3.72
N PRO A 234 24.19 -7.64 -4.17
CA PRO A 234 23.18 -8.35 -3.38
C PRO A 234 23.74 -9.16 -2.19
N GLU A 235 25.05 -9.45 -2.21
CA GLU A 235 25.73 -10.01 -1.04
C GLU A 235 25.76 -9.00 0.08
N GLU A 236 25.96 -7.74 -0.29
CA GLU A 236 25.96 -6.68 0.69
C GLU A 236 24.57 -6.49 1.28
N VAL A 237 23.56 -6.60 0.41
CA VAL A 237 22.17 -6.49 0.86
C VAL A 237 21.80 -7.68 1.76
N ALA A 238 22.12 -8.89 1.32
CA ALA A 238 21.88 -10.09 2.11
C ALA A 238 22.44 -9.97 3.51
N GLU A 239 23.59 -9.29 3.61
CA GLU A 239 24.27 -9.24 4.90
C GLU A 239 23.49 -8.41 5.90
N VAL A 240 22.68 -7.44 5.42
CA VAL A 240 21.82 -6.64 6.28
C VAL A 240 20.69 -7.49 6.90
N PHE A 241 20.18 -8.46 6.14
CA PHE A 241 19.24 -9.42 6.69
C PHE A 241 19.89 -10.15 7.86
N LEU A 242 21.18 -10.55 7.67
CA LEU A 242 21.98 -11.21 8.71
C LEU A 242 22.10 -10.33 9.96
N THR A 243 22.48 -9.06 9.75
CA THR A 243 22.54 -8.05 10.81
C THR A 243 21.23 -8.04 11.62
N ALA A 244 20.08 -8.13 10.93
CA ALA A 244 18.78 -8.02 11.57
C ALA A 244 18.43 -9.26 12.42
N LEU A 245 18.73 -10.42 11.85
CA LEU A 245 18.64 -11.70 12.54
C LEU A 245 19.43 -11.78 13.85
N ARG A 246 20.69 -11.30 13.80
CA ARG A 246 21.66 -11.31 14.89
C ARG A 246 21.24 -10.33 15.98
N ALA A 247 20.54 -9.25 15.59
CA ALA A 247 20.11 -8.26 16.55
C ALA A 247 19.24 -8.96 17.60
N PRO A 248 19.51 -8.79 18.92
CA PRO A 248 18.60 -9.28 19.96
C PRO A 248 17.28 -8.49 20.14
N LYS A 249 17.28 -7.16 19.97
CA LYS A 249 16.03 -6.42 19.87
C LYS A 249 15.94 -5.75 18.51
N PRO A 250 15.54 -6.45 17.43
CA PRO A 250 15.61 -5.86 16.09
C PRO A 250 14.54 -4.78 15.88
N THR A 251 14.94 -3.71 15.16
CA THR A 251 14.04 -2.63 14.84
C THR A 251 13.07 -3.05 13.73
N LEU A 252 11.98 -2.28 13.55
CA LEU A 252 11.04 -2.53 12.49
C LEU A 252 11.68 -2.33 11.13
N ARG A 253 12.68 -1.45 11.03
CA ARG A 253 13.17 -1.06 9.73
C ARG A 253 14.69 -1.04 9.79
N TYR A 254 15.31 -1.67 8.79
CA TYR A 254 16.72 -1.53 8.51
C TYR A 254 16.83 -1.00 7.08
N PHE A 255 17.95 -0.32 6.78
CA PHE A 255 18.23 0.26 5.48
C PHE A 255 19.56 -0.27 4.97
N THR A 256 19.61 -0.61 3.67
CA THR A 256 20.81 -1.18 3.09
C THR A 256 21.78 -0.12 2.59
N THR A 257 21.32 1.14 2.51
CA THR A 257 22.10 2.28 2.05
C THR A 257 21.60 3.54 2.77
N GLU A 258 22.46 4.58 2.86
CA GLU A 258 22.05 5.89 3.38
C GLU A 258 21.77 6.89 2.27
N ARG A 259 22.02 6.50 1.01
CA ARG A 259 21.91 7.37 -0.14
C ARG A 259 20.55 8.07 -0.15
N PHE A 260 19.49 7.36 0.22
CA PHE A 260 18.14 7.90 0.08
C PHE A 260 17.59 8.43 1.42
N LEU A 261 18.39 8.48 2.50
CA LEU A 261 17.89 8.98 3.78
C LEU A 261 17.71 10.49 3.79
N PRO A 262 18.55 11.34 3.15
CA PRO A 262 18.26 12.78 3.02
C PRO A 262 16.86 13.09 2.50
N LEU A 263 16.47 12.47 1.39
CA LEU A 263 15.14 12.66 0.82
C LEU A 263 14.05 12.23 1.82
N LEU A 264 14.28 11.11 2.54
CA LEU A 264 13.33 10.61 3.52
C LEU A 264 13.20 11.55 4.71
N ARG A 265 14.30 12.23 5.05
CA ARG A 265 14.28 13.26 6.08
C ARG A 265 13.32 14.37 5.64
N MET A 266 13.51 14.88 4.41
CA MET A 266 12.81 16.05 3.92
C MET A 266 11.31 15.76 3.77
N ARG A 267 10.99 14.57 3.28
CA ARG A 267 9.63 14.12 2.98
C ARG A 267 8.81 14.04 4.27
N LEU A 268 9.44 13.58 5.35
CA LEU A 268 8.80 13.40 6.64
C LEU A 268 8.83 14.71 7.44
N ASP A 269 9.65 15.69 6.99
CA ASP A 269 9.70 17.02 7.61
C ASP A 269 8.40 17.77 7.32
N ASP A 270 7.89 17.57 6.09
CA ASP A 270 6.82 18.35 5.49
C ASP A 270 5.55 17.52 5.35
N PRO A 271 4.61 17.51 6.34
CA PRO A 271 3.49 16.56 6.33
C PRO A 271 2.32 16.89 5.40
N SER A 272 2.48 17.84 4.48
CA SER A 272 1.49 18.13 3.46
C SER A 272 2.04 17.72 2.09
N GLY A 273 3.27 17.20 2.06
CA GLY A 273 3.72 16.35 0.97
C GLY A 273 4.17 17.09 -0.29
N SER A 274 4.19 18.43 -0.29
CA SER A 274 4.47 19.13 -1.54
C SER A 274 5.96 19.48 -1.70
N ASN A 275 6.69 19.64 -0.59
CA ASN A 275 8.14 19.75 -0.65
C ASN A 275 8.73 18.56 -1.40
N TYR A 276 8.35 17.35 -0.97
CA TYR A 276 8.92 16.12 -1.51
C TYR A 276 8.65 16.09 -3.02
N VAL A 277 7.43 16.49 -3.41
CA VAL A 277 6.99 16.37 -4.79
C VAL A 277 7.87 17.23 -5.70
N THR A 278 8.30 18.43 -5.25
CA THR A 278 9.11 19.32 -6.08
C THR A 278 10.52 18.77 -6.20
N ALA A 279 11.12 18.44 -5.05
CA ALA A 279 12.48 17.94 -5.01
C ALA A 279 12.66 16.73 -5.91
N MET A 280 11.70 15.79 -5.84
CA MET A 280 11.81 14.53 -6.56
C MET A 280 11.52 14.77 -8.05
N HIS A 281 10.59 15.70 -8.36
CA HIS A 281 10.38 16.10 -9.74
C HIS A 281 11.69 16.63 -10.33
N ARG A 282 12.41 17.43 -9.52
CA ARG A 282 13.61 18.13 -9.94
C ARG A 282 14.75 17.12 -10.11
N GLU A 283 14.94 16.26 -9.10
CA GLU A 283 16.00 15.27 -9.11
C GLU A 283 15.87 14.37 -10.34
N VAL A 284 14.63 14.11 -10.75
CA VAL A 284 14.36 13.07 -11.73
C VAL A 284 14.33 13.69 -13.12
N PHE A 285 13.77 14.91 -13.24
CA PHE A 285 13.66 15.60 -14.52
C PHE A 285 14.50 16.90 -14.48
N GLY A 286 15.73 16.83 -15.02
CA GLY A 286 16.66 17.94 -14.96
C GLY A 286 17.55 17.84 -13.73
N ALA B 2 -20.72 23.61 -18.83
CA ALA B 2 -21.77 23.92 -17.84
C ALA B 2 -21.15 24.77 -16.71
N ARG B 3 -20.25 24.16 -15.92
CA ARG B 3 -19.86 24.59 -14.58
C ARG B 3 -18.58 23.83 -14.18
N THR B 4 -18.15 23.88 -12.91
CA THR B 4 -17.19 22.89 -12.43
C THR B 4 -17.89 21.53 -12.36
N VAL B 5 -17.39 20.58 -13.17
CA VAL B 5 -17.86 19.20 -13.25
C VAL B 5 -17.09 18.35 -12.24
N VAL B 6 -17.84 17.69 -11.35
CA VAL B 6 -17.24 16.95 -10.25
C VAL B 6 -17.81 15.56 -10.33
N LEU B 7 -16.98 14.53 -10.26
CA LEU B 7 -17.54 13.19 -10.30
C LEU B 7 -17.05 12.49 -9.06
N ILE B 8 -17.94 11.81 -8.32
CA ILE B 8 -17.60 11.31 -7.01
C ILE B 8 -18.04 9.87 -6.91
N THR B 9 -17.16 9.01 -6.41
CA THR B 9 -17.51 7.61 -6.19
C THR B 9 -17.99 7.37 -4.76
N GLY B 10 -18.82 6.36 -4.55
CA GLY B 10 -19.19 5.89 -3.21
C GLY B 10 -20.19 6.83 -2.53
N CYS B 11 -21.23 7.24 -3.26
CA CYS B 11 -22.09 8.32 -2.86
C CYS B 11 -23.42 7.82 -2.27
N SER B 12 -23.56 6.53 -1.95
CA SER B 12 -24.83 6.05 -1.37
C SER B 12 -24.97 6.43 0.11
N SER B 13 -23.86 6.68 0.81
CA SER B 13 -23.87 7.21 2.17
C SER B 13 -22.56 7.92 2.47
N GLY B 14 -22.47 8.51 3.67
CA GLY B 14 -21.19 8.92 4.24
C GLY B 14 -20.62 10.18 3.57
N ILE B 15 -19.29 10.20 3.48
CA ILE B 15 -18.55 11.35 3.02
C ILE B 15 -19.05 11.72 1.63
N GLY B 16 -19.13 10.71 0.75
CA GLY B 16 -19.49 10.89 -0.66
C GLY B 16 -20.91 11.44 -0.85
N LEU B 17 -21.88 10.89 -0.12
CA LEU B 17 -23.23 11.42 -0.17
C LEU B 17 -23.23 12.90 0.20
N HIS B 18 -22.54 13.24 1.32
CA HIS B 18 -22.53 14.58 1.89
C HIS B 18 -21.77 15.61 1.06
N LEU B 19 -20.65 15.20 0.45
CA LEU B 19 -19.91 16.07 -0.44
C LEU B 19 -20.75 16.39 -1.67
N ALA B 20 -21.47 15.37 -2.15
CA ALA B 20 -22.28 15.45 -3.36
C ALA B 20 -23.35 16.52 -3.23
N VAL B 21 -24.16 16.45 -2.16
CA VAL B 21 -25.21 17.43 -1.92
C VAL B 21 -24.63 18.75 -1.45
N ARG B 22 -23.57 18.75 -0.63
CA ARG B 22 -22.94 20.02 -0.31
C ARG B 22 -22.68 20.79 -1.61
N LEU B 23 -22.10 20.12 -2.62
CA LEU B 23 -21.64 20.81 -3.81
C LEU B 23 -22.82 21.18 -4.72
N ALA B 24 -23.77 20.26 -4.84
CA ALA B 24 -24.95 20.48 -5.68
C ALA B 24 -25.79 21.66 -5.14
N SER B 25 -25.81 21.87 -3.81
CA SER B 25 -26.67 22.91 -3.24
C SER B 25 -25.95 24.24 -3.07
N ASP B 26 -24.70 24.34 -3.54
CA ASP B 26 -23.97 25.60 -3.52
C ASP B 26 -24.80 26.71 -4.18
N PRO B 27 -25.04 27.86 -3.48
CA PRO B 27 -25.87 28.95 -4.02
C PRO B 27 -25.36 29.65 -5.30
N SER B 28 -24.05 29.64 -5.51
CA SER B 28 -23.48 30.07 -6.79
C SER B 28 -23.90 29.13 -7.91
N GLN B 29 -24.27 27.89 -7.56
CA GLN B 29 -24.52 26.87 -8.58
CA GLN B 29 -24.50 26.83 -8.53
C GLN B 29 -23.27 26.68 -9.42
N SER B 30 -22.08 26.67 -8.78
CA SER B 30 -20.79 26.57 -9.44
C SER B 30 -20.50 25.16 -9.96
N PHE B 31 -21.28 24.16 -9.51
CA PHE B 31 -20.92 22.76 -9.59
C PHE B 31 -22.03 21.93 -10.26
N LYS B 32 -21.60 21.05 -11.16
CA LYS B 32 -22.41 19.97 -11.66
C LYS B 32 -21.79 18.69 -11.10
N VAL B 33 -22.60 17.95 -10.34
CA VAL B 33 -22.13 16.79 -9.60
C VAL B 33 -22.71 15.55 -10.24
N TYR B 34 -21.80 14.64 -10.60
CA TYR B 34 -22.12 13.25 -10.89
C TYR B 34 -21.74 12.44 -9.66
N ALA B 35 -22.77 12.05 -8.91
CA ALA B 35 -22.62 11.12 -7.80
C ALA B 35 -22.80 9.71 -8.32
N THR B 36 -21.81 8.85 -8.15
CA THR B 36 -21.89 7.48 -8.63
C THR B 36 -22.01 6.51 -7.45
N LEU B 37 -22.70 5.39 -7.70
CA LEU B 37 -23.01 4.40 -6.68
C LEU B 37 -22.67 3.03 -7.23
N ARG B 38 -22.19 2.12 -6.38
CA ARG B 38 -21.92 0.75 -6.82
C ARG B 38 -23.18 0.13 -7.45
N ASP B 39 -24.35 0.47 -6.87
CA ASP B 39 -25.65 -0.07 -7.22
C ASP B 39 -26.65 1.08 -7.19
N LEU B 40 -27.27 1.43 -8.33
CA LEU B 40 -28.14 2.59 -8.39
C LEU B 40 -29.39 2.40 -7.51
N LYS B 41 -29.82 1.17 -7.24
CA LYS B 41 -30.98 0.89 -6.38
C LYS B 41 -30.84 1.44 -4.97
N THR B 42 -29.62 1.78 -4.57
CA THR B 42 -29.38 2.29 -3.23
C THR B 42 -29.45 3.83 -3.23
N GLN B 43 -29.88 4.47 -4.33
CA GLN B 43 -29.81 5.93 -4.42
C GLN B 43 -30.92 6.66 -3.66
N GLY B 44 -31.74 5.92 -2.89
CA GLY B 44 -32.80 6.53 -2.08
C GLY B 44 -32.37 7.68 -1.15
N ARG B 45 -31.42 7.40 -0.22
CA ARG B 45 -30.94 8.37 0.76
C ARG B 45 -30.24 9.57 0.09
N LEU B 46 -29.40 9.35 -0.92
CA LEU B 46 -28.75 10.47 -1.60
C LEU B 46 -29.80 11.47 -2.11
N TRP B 47 -30.85 11.03 -2.80
CA TRP B 47 -31.81 11.97 -3.37
C TRP B 47 -32.63 12.64 -2.28
N GLU B 48 -32.91 11.92 -1.20
CA GLU B 48 -33.65 12.48 -0.08
C GLU B 48 -32.89 13.69 0.47
N ALA B 49 -31.59 13.49 0.74
CA ALA B 49 -30.69 14.57 1.15
C ALA B 49 -30.66 15.71 0.13
N ALA B 50 -30.59 15.40 -1.16
CA ALA B 50 -30.52 16.43 -2.19
C ALA B 50 -31.74 17.36 -2.18
N ARG B 51 -32.95 16.78 -2.11
CA ARG B 51 -34.20 17.52 -1.98
C ARG B 51 -34.24 18.31 -0.66
N ALA B 52 -33.75 17.72 0.43
CA ALA B 52 -33.72 18.42 1.71
C ALA B 52 -32.94 19.72 1.58
N LEU B 53 -32.03 19.80 0.59
CA LEU B 53 -31.21 20.98 0.41
C LEU B 53 -31.62 21.72 -0.86
N ALA B 54 -32.82 21.46 -1.39
CA ALA B 54 -33.29 21.97 -2.68
C ALA B 54 -32.16 22.09 -3.72
N CYS B 55 -31.37 21.02 -3.91
CA CYS B 55 -30.45 20.99 -5.03
C CYS B 55 -31.24 21.23 -6.31
N PRO B 56 -30.94 22.30 -7.08
CA PRO B 56 -31.58 22.49 -8.38
C PRO B 56 -31.53 21.27 -9.30
N PRO B 57 -32.52 21.14 -10.21
CA PRO B 57 -32.46 20.15 -11.29
C PRO B 57 -31.22 20.36 -12.15
N GLY B 58 -30.56 19.26 -12.52
CA GLY B 58 -29.37 19.30 -13.35
C GLY B 58 -28.12 19.76 -12.62
N SER B 59 -28.24 19.99 -11.30
CA SER B 59 -27.09 20.27 -10.44
C SER B 59 -26.43 18.94 -10.04
N LEU B 60 -27.24 17.88 -9.95
CA LEU B 60 -26.83 16.58 -9.46
C LEU B 60 -27.41 15.47 -10.35
N GLU B 61 -26.56 14.53 -10.78
CA GLU B 61 -27.00 13.32 -11.44
C GLU B 61 -26.31 12.12 -10.84
N THR B 62 -27.01 10.98 -10.86
CA THR B 62 -26.48 9.69 -10.44
C THR B 62 -26.14 8.80 -11.63
N LEU B 63 -25.08 7.98 -11.47
CA LEU B 63 -24.69 6.96 -12.43
C LEU B 63 -24.32 5.72 -11.63
N GLN B 64 -24.43 4.55 -12.27
CA GLN B 64 -23.84 3.36 -11.67
C GLN B 64 -22.36 3.33 -12.07
N LEU B 65 -21.53 3.00 -11.07
CA LEU B 65 -20.10 2.89 -11.25
C LEU B 65 -19.59 1.98 -10.14
N ASP B 66 -19.06 0.85 -10.58
CA ASP B 66 -18.50 -0.17 -9.70
C ASP B 66 -17.02 -0.20 -10.00
N VAL B 67 -16.23 0.10 -8.98
CA VAL B 67 -14.82 0.43 -9.15
C VAL B 67 -14.02 -0.85 -9.33
N ARG B 68 -14.70 -2.00 -9.16
CA ARG B 68 -14.13 -3.32 -9.42
C ARG B 68 -14.22 -3.73 -10.89
N ASP B 69 -15.01 -3.01 -11.70
CA ASP B 69 -15.22 -3.33 -13.11
C ASP B 69 -14.80 -2.16 -13.99
N SER B 70 -13.68 -2.30 -14.71
CA SER B 70 -13.20 -1.23 -15.57
C SER B 70 -14.19 -0.83 -16.67
N LYS B 71 -15.15 -1.70 -16.98
CA LYS B 71 -16.18 -1.41 -17.99
C LYS B 71 -17.29 -0.55 -17.38
N SER B 72 -17.65 -0.85 -16.13
CA SER B 72 -18.53 0.04 -15.37
C SER B 72 -17.89 1.42 -15.32
N VAL B 73 -16.57 1.45 -15.09
CA VAL B 73 -15.87 2.73 -15.00
C VAL B 73 -15.97 3.48 -16.35
N ALA B 74 -15.80 2.79 -17.48
CA ALA B 74 -15.70 3.46 -18.79
C ALA B 74 -17.07 3.95 -19.25
N ALA B 75 -18.11 3.13 -19.05
CA ALA B 75 -19.50 3.50 -19.25
C ALA B 75 -19.90 4.76 -18.48
N ALA B 76 -19.47 4.89 -17.22
CA ALA B 76 -19.81 6.08 -16.43
C ALA B 76 -19.06 7.32 -16.94
N ARG B 77 -17.79 7.14 -17.35
CA ARG B 77 -17.01 8.23 -17.96
C ARG B 77 -17.75 8.82 -19.17
N GLU B 78 -18.34 7.95 -20.00
CA GLU B 78 -18.90 8.34 -21.29
C GLU B 78 -20.19 9.13 -21.09
N ARG B 79 -20.87 8.84 -19.97
CA ARG B 79 -22.10 9.46 -19.58
C ARG B 79 -21.91 10.91 -19.11
N VAL B 80 -20.66 11.41 -19.04
CA VAL B 80 -20.43 12.77 -18.58
C VAL B 80 -20.61 13.68 -19.78
N THR B 81 -21.81 14.26 -19.88
CA THR B 81 -22.26 14.90 -21.12
C THR B 81 -21.32 16.03 -21.48
N GLU B 82 -20.69 16.66 -20.47
CA GLU B 82 -19.77 17.77 -20.71
C GLU B 82 -18.46 17.32 -21.35
N GLY B 83 -18.25 16.00 -21.43
CA GLY B 83 -17.01 15.49 -22.01
C GLY B 83 -15.73 15.96 -21.29
N ARG B 84 -15.85 16.44 -20.05
CA ARG B 84 -14.70 16.64 -19.17
C ARG B 84 -15.10 16.44 -17.70
N VAL B 85 -14.07 16.23 -16.87
CA VAL B 85 -14.19 16.26 -15.42
C VAL B 85 -13.15 17.20 -14.82
N ASP B 86 -13.61 18.19 -14.04
CA ASP B 86 -12.71 19.16 -13.40
C ASP B 86 -12.21 18.64 -12.06
N VAL B 87 -13.09 17.97 -11.32
CA VAL B 87 -12.73 17.41 -10.03
C VAL B 87 -13.16 15.94 -9.96
N LEU B 88 -12.16 15.09 -9.73
CA LEU B 88 -12.44 13.67 -9.56
C LEU B 88 -12.23 13.35 -8.08
N VAL B 89 -13.23 12.68 -7.50
CA VAL B 89 -13.21 12.32 -6.10
C VAL B 89 -13.28 10.80 -5.97
N CYS B 90 -12.12 10.20 -5.65
CA CYS B 90 -11.99 8.78 -5.43
C CYS B 90 -12.25 8.47 -3.96
N ASN B 91 -13.48 8.03 -3.70
CA ASN B 91 -13.94 7.95 -2.33
C ASN B 91 -14.35 6.52 -1.96
N ALA B 92 -14.80 5.71 -2.89
CA ALA B 92 -15.12 4.30 -2.62
C ALA B 92 -14.07 3.57 -1.76
N GLY B 93 -14.52 2.87 -0.70
CA GLY B 93 -13.64 2.32 0.32
C GLY B 93 -14.32 1.22 1.13
N LEU B 94 -13.53 0.21 1.54
CA LEU B 94 -13.95 -0.87 2.43
C LEU B 94 -13.02 -0.94 3.62
N GLY B 95 -13.52 -1.38 4.79
CA GLY B 95 -12.69 -1.66 5.94
C GLY B 95 -12.52 -3.17 6.17
N LEU B 96 -11.49 -3.58 6.90
CA LEU B 96 -11.38 -4.95 7.37
C LEU B 96 -10.69 -4.91 8.75
N LEU B 97 -11.42 -5.43 9.75
CA LEU B 97 -10.95 -5.41 11.12
C LEU B 97 -10.81 -6.84 11.63
N GLY B 98 -9.64 -7.16 12.17
CA GLY B 98 -9.46 -8.52 12.65
C GLY B 98 -8.00 -8.93 12.73
N PRO B 99 -7.76 -10.02 13.44
CA PRO B 99 -6.45 -10.65 13.43
C PRO B 99 -6.23 -11.24 12.04
N LEU B 100 -5.03 -11.01 11.47
CA LEU B 100 -4.76 -11.30 10.08
C LEU B 100 -5.13 -12.73 9.75
N GLU B 101 -4.63 -13.66 10.57
CA GLU B 101 -4.76 -15.08 10.32
C GLU B 101 -6.22 -15.49 10.35
N ALA B 102 -7.11 -14.60 10.81
CA ALA B 102 -8.52 -14.96 10.94
C ALA B 102 -9.37 -14.43 9.78
N LEU B 103 -8.77 -13.64 8.87
CA LEU B 103 -9.51 -13.06 7.77
C LEU B 103 -9.41 -13.98 6.55
N GLY B 104 -10.53 -14.08 5.83
CA GLY B 104 -10.57 -14.82 4.59
C GLY B 104 -9.69 -14.15 3.52
N GLU B 105 -9.08 -15.01 2.71
CA GLU B 105 -8.27 -14.64 1.55
C GLU B 105 -9.08 -13.72 0.64
N ASP B 106 -10.37 -14.02 0.44
CA ASP B 106 -11.22 -13.32 -0.50
C ASP B 106 -11.55 -11.92 0.02
N ALA B 107 -11.91 -11.82 1.30
CA ALA B 107 -12.13 -10.56 1.97
C ALA B 107 -10.86 -9.70 1.80
N VAL B 108 -9.68 -10.29 2.00
CA VAL B 108 -8.45 -9.53 1.89
C VAL B 108 -8.30 -8.98 0.47
N ALA B 109 -8.60 -9.81 -0.52
CA ALA B 109 -8.36 -9.43 -1.91
C ALA B 109 -9.42 -8.43 -2.37
N SER B 110 -10.67 -8.55 -1.86
CA SER B 110 -11.71 -7.58 -2.13
C SER B 110 -11.31 -6.17 -1.67
N VAL B 111 -10.77 -6.07 -0.45
CA VAL B 111 -10.44 -4.77 0.09
C VAL B 111 -9.40 -4.10 -0.83
N LEU B 112 -8.34 -4.80 -1.19
CA LEU B 112 -7.30 -4.23 -2.03
C LEU B 112 -7.88 -3.90 -3.40
N ASP B 113 -8.81 -4.71 -3.90
CA ASP B 113 -9.34 -4.50 -5.25
C ASP B 113 -10.24 -3.27 -5.31
N VAL B 114 -10.99 -3.03 -4.23
CA VAL B 114 -11.86 -1.87 -4.17
C VAL B 114 -11.00 -0.66 -3.83
N ASN B 115 -10.21 -0.72 -2.74
CA ASN B 115 -9.57 0.48 -2.22
C ASN B 115 -8.41 0.91 -3.12
N VAL B 116 -7.66 -0.04 -3.66
CA VAL B 116 -6.44 0.33 -4.37
C VAL B 116 -6.68 0.20 -5.88
N VAL B 117 -7.05 -1.00 -6.34
CA VAL B 117 -7.13 -1.24 -7.77
C VAL B 117 -8.27 -0.39 -8.34
N GLY B 118 -9.34 -0.29 -7.55
CA GLY B 118 -10.50 0.49 -7.91
C GLY B 118 -10.12 1.93 -8.22
N THR B 119 -9.25 2.49 -7.36
CA THR B 119 -8.75 3.86 -7.52
C THR B 119 -7.77 3.97 -8.71
N VAL B 120 -6.95 2.95 -8.95
CA VAL B 120 -6.14 2.90 -10.15
C VAL B 120 -7.04 2.96 -11.39
N ARG B 121 -8.11 2.16 -11.44
CA ARG B 121 -8.98 2.12 -12.60
C ARG B 121 -9.60 3.49 -12.91
N MET B 122 -10.03 4.23 -11.88
CA MET B 122 -10.54 5.59 -12.04
C MET B 122 -9.42 6.50 -12.57
N LEU B 123 -8.23 6.39 -12.01
CA LEU B 123 -7.15 7.26 -12.44
C LEU B 123 -6.80 6.91 -13.89
N GLN B 124 -6.80 5.63 -14.23
CA GLN B 124 -6.50 5.23 -15.59
C GLN B 124 -7.52 5.82 -16.56
N ALA B 125 -8.81 5.87 -16.16
CA ALA B 125 -9.84 6.30 -17.08
C ALA B 125 -9.99 7.83 -17.19
N PHE B 126 -9.68 8.59 -16.12
CA PHE B 126 -9.98 10.01 -16.06
C PHE B 126 -8.74 10.89 -16.20
N LEU B 127 -7.55 10.40 -15.83
CA LEU B 127 -6.37 11.24 -15.91
C LEU B 127 -6.02 11.58 -17.36
N PRO B 128 -6.10 10.67 -18.37
CA PRO B 128 -5.66 11.01 -19.72
C PRO B 128 -6.25 12.33 -20.22
N ASP B 129 -7.58 12.48 -20.17
CA ASP B 129 -8.24 13.73 -20.58
C ASP B 129 -7.78 14.91 -19.72
N MET B 130 -7.47 14.70 -18.43
CA MET B 130 -7.03 15.84 -17.64
C MET B 130 -5.65 16.28 -18.09
N LYS B 131 -4.81 15.33 -18.51
CA LYS B 131 -3.43 15.66 -18.91
C LYS B 131 -3.45 16.48 -20.20
N ARG B 132 -4.17 15.96 -21.21
CA ARG B 132 -4.25 16.53 -22.55
C ARG B 132 -4.87 17.93 -22.54
N ARG B 133 -5.72 18.20 -21.54
CA ARG B 133 -6.42 19.46 -21.32
C ARG B 133 -5.58 20.42 -20.48
N GLY B 134 -4.53 19.89 -19.86
CA GLY B 134 -3.64 20.68 -19.02
C GLY B 134 -4.22 21.03 -17.65
N SER B 135 -5.32 20.40 -17.19
CA SER B 135 -5.96 20.82 -15.94
C SER B 135 -6.84 19.72 -15.35
N GLY B 136 -7.09 19.89 -14.05
CA GLY B 136 -7.88 18.92 -13.31
C GLY B 136 -7.39 18.76 -11.87
N ARG B 137 -8.34 18.48 -10.97
CA ARG B 137 -8.05 18.06 -9.62
C ARG B 137 -8.51 16.62 -9.43
N VAL B 138 -7.78 15.89 -8.58
CA VAL B 138 -8.19 14.62 -8.04
C VAL B 138 -8.18 14.68 -6.52
N LEU B 139 -9.30 14.33 -5.89
CA LEU B 139 -9.33 14.24 -4.44
C LEU B 139 -9.54 12.78 -4.04
N VAL B 140 -8.78 12.31 -3.06
CA VAL B 140 -8.81 10.91 -2.72
C VAL B 140 -9.08 10.82 -1.23
N THR B 141 -10.07 10.02 -0.83
CA THR B 141 -10.29 9.74 0.58
C THR B 141 -9.12 8.92 1.14
N GLY B 142 -8.36 9.51 2.05
CA GLY B 142 -7.24 8.85 2.69
C GLY B 142 -7.56 8.60 4.14
N SER B 143 -6.50 8.39 4.92
CA SER B 143 -6.69 8.02 6.32
C SER B 143 -5.37 8.15 7.05
N VAL B 144 -5.50 8.51 8.33
CA VAL B 144 -4.39 8.40 9.27
C VAL B 144 -3.83 6.97 9.25
N GLY B 145 -4.67 5.93 9.13
CA GLY B 145 -4.25 4.55 8.91
C GLY B 145 -3.42 4.33 7.62
N GLY B 146 -3.29 5.37 6.80
CA GLY B 146 -2.46 5.33 5.61
C GLY B 146 -1.11 5.98 5.88
N LEU B 147 -0.95 6.53 7.09
CA LEU B 147 0.26 7.27 7.45
C LEU B 147 0.93 6.65 8.66
N MET B 148 0.20 5.77 9.35
CA MET B 148 0.78 5.05 10.46
C MET B 148 0.01 3.76 10.62
N GLY B 149 0.73 2.66 10.92
CA GLY B 149 0.11 1.35 11.04
C GLY B 149 -0.70 1.21 12.32
N LEU B 150 -1.87 0.58 12.20
CA LEU B 150 -2.83 0.39 13.28
C LEU B 150 -3.05 -1.09 13.49
N PRO B 151 -2.97 -1.60 14.73
CA PRO B 151 -3.09 -3.05 14.98
C PRO B 151 -4.51 -3.51 14.70
N PHE B 152 -4.60 -4.77 14.26
CA PHE B 152 -5.82 -5.43 13.82
C PHE B 152 -6.43 -4.76 12.57
N ASN B 153 -5.81 -3.71 12.01
CA ASN B 153 -6.30 -3.12 10.76
C ASN B 153 -5.26 -3.29 9.63
N ASP B 154 -4.61 -4.45 9.60
CA ASP B 154 -3.38 -4.64 8.85
C ASP B 154 -3.64 -4.38 7.36
N VAL B 155 -4.80 -4.85 6.88
CA VAL B 155 -5.17 -4.90 5.48
C VAL B 155 -5.77 -3.56 5.06
N TYR B 156 -6.61 -3.02 5.93
CA TYR B 156 -7.12 -1.68 5.73
C TYR B 156 -5.95 -0.69 5.54
N CYS B 157 -4.99 -0.77 6.46
CA CYS B 157 -3.85 0.13 6.51
C CYS B 157 -3.00 -0.10 5.27
N ALA B 158 -2.79 -1.37 4.94
CA ALA B 158 -2.04 -1.72 3.74
C ALA B 158 -2.62 -0.97 2.53
N SER B 159 -3.95 -0.98 2.48
CA SER B 159 -4.76 -0.41 1.40
C SER B 159 -4.68 1.11 1.36
N LYS B 160 -4.67 1.72 2.56
CA LYS B 160 -4.50 3.17 2.68
C LYS B 160 -3.05 3.64 2.46
N PHE B 161 -2.06 2.91 2.98
CA PHE B 161 -0.68 3.21 2.61
C PHE B 161 -0.50 3.09 1.10
N ALA B 162 -1.12 2.08 0.49
CA ALA B 162 -0.99 1.92 -0.95
C ALA B 162 -1.44 3.17 -1.69
N LEU B 163 -2.52 3.83 -1.20
CA LEU B 163 -3.05 5.03 -1.84
C LEU B 163 -2.10 6.18 -1.67
N GLU B 164 -1.39 6.23 -0.55
CA GLU B 164 -0.35 7.21 -0.31
C GLU B 164 0.69 7.16 -1.44
N GLY B 165 1.11 5.92 -1.77
CA GLY B 165 2.20 5.68 -2.70
C GLY B 165 1.78 5.88 -4.15
N LEU B 166 0.57 5.40 -4.45
CA LEU B 166 -0.04 5.63 -5.75
C LEU B 166 -0.04 7.14 -6.06
N CYS B 167 -0.57 7.94 -5.13
CA CYS B 167 -0.92 9.31 -5.44
C CYS B 167 0.36 10.14 -5.47
N GLU B 168 1.26 9.86 -4.51
CA GLU B 168 2.55 10.56 -4.45
C GLU B 168 3.40 10.34 -5.70
N SER B 169 3.43 9.10 -6.18
CA SER B 169 4.16 8.74 -7.40
C SER B 169 3.59 9.50 -8.59
N LEU B 170 2.25 9.51 -8.64
CA LEU B 170 1.54 10.21 -9.70
C LEU B 170 1.85 11.70 -9.65
N ALA B 171 1.87 12.28 -8.43
CA ALA B 171 1.94 13.71 -8.26
C ALA B 171 3.25 14.28 -8.79
N VAL B 172 4.33 13.50 -8.61
CA VAL B 172 5.64 13.90 -9.07
C VAL B 172 5.61 13.99 -10.60
N LEU B 173 4.96 13.02 -11.26
CA LEU B 173 4.85 13.08 -12.71
C LEU B 173 3.96 14.27 -13.13
N LEU B 174 2.96 14.63 -12.31
CA LEU B 174 1.77 15.33 -12.82
C LEU B 174 1.90 16.85 -12.72
N LEU B 175 2.97 17.29 -12.07
CA LEU B 175 3.28 18.68 -11.79
C LEU B 175 3.36 19.54 -13.07
N PRO B 176 4.19 19.21 -14.09
CA PRO B 176 4.15 19.89 -15.40
C PRO B 176 2.88 19.80 -16.26
N PHE B 177 1.98 18.87 -15.92
CA PHE B 177 0.76 18.68 -16.70
C PHE B 177 -0.36 19.60 -16.21
N GLY B 178 -0.25 20.11 -14.97
CA GLY B 178 -1.24 21.00 -14.40
C GLY B 178 -2.37 20.23 -13.72
N VAL B 179 -2.08 18.99 -13.28
CA VAL B 179 -3.08 18.14 -12.66
C VAL B 179 -2.67 17.87 -11.22
N HIS B 180 -3.53 18.30 -10.30
CA HIS B 180 -3.27 18.35 -8.88
C HIS B 180 -3.97 17.16 -8.20
N LEU B 181 -3.23 16.49 -7.34
CA LEU B 181 -3.74 15.34 -6.63
C LEU B 181 -3.65 15.67 -5.14
N SER B 182 -4.70 15.36 -4.38
CA SER B 182 -4.72 15.59 -2.95
C SER B 182 -5.41 14.43 -2.26
N LEU B 183 -4.86 14.01 -1.11
CA LEU B 183 -5.43 13.03 -0.20
C LEU B 183 -6.07 13.75 0.98
N ILE B 184 -7.29 13.35 1.36
CA ILE B 184 -7.92 13.91 2.53
C ILE B 184 -7.81 12.87 3.64
N GLU B 185 -6.99 13.17 4.62
CA GLU B 185 -6.56 12.23 5.65
C GLU B 185 -7.57 12.23 6.78
N CYS B 186 -8.50 11.32 6.70
CA CYS B 186 -9.55 11.21 7.67
C CYS B 186 -8.97 10.56 8.91
N GLY B 187 -9.48 10.94 10.07
CA GLY B 187 -9.38 10.08 11.23
C GLY B 187 -10.57 9.14 11.19
N PRO B 188 -10.97 8.53 12.32
CA PRO B 188 -12.24 7.83 12.39
C PRO B 188 -13.42 8.74 12.06
N VAL B 189 -14.54 8.13 11.67
CA VAL B 189 -15.68 8.84 11.13
C VAL B 189 -16.95 8.07 11.50
N HIS B 190 -17.97 8.78 12.02
CA HIS B 190 -19.25 8.17 12.40
C HIS B 190 -20.06 7.71 11.18
N THR B 191 -20.48 6.44 11.21
CA THR B 191 -21.77 5.99 10.72
C THR B 191 -22.32 4.99 11.75
N GLY B 199 -16.52 -12.94 12.83
CA GLY B 199 -16.70 -14.24 13.52
C GLY B 199 -16.94 -14.08 15.01
N SER B 200 -17.51 -15.11 15.64
CA SER B 200 -17.79 -15.13 17.07
C SER B 200 -16.50 -15.30 17.88
N PRO B 201 -16.45 -14.83 19.15
CA PRO B 201 -15.24 -14.86 19.97
C PRO B 201 -14.46 -16.18 20.14
N GLU B 202 -15.09 -17.35 19.96
CA GLU B 202 -14.33 -18.59 20.02
C GLU B 202 -13.73 -18.89 18.65
N GLU B 203 -14.41 -18.47 17.58
CA GLU B 203 -13.91 -18.62 16.22
C GLU B 203 -12.59 -17.85 16.11
N VAL B 204 -12.48 -16.75 16.84
CA VAL B 204 -11.28 -15.92 16.89
C VAL B 204 -10.13 -16.59 17.64
N LEU B 205 -10.47 -17.17 18.81
CA LEU B 205 -9.47 -17.89 19.59
C LEU B 205 -8.96 -19.06 18.75
N ASP B 206 -9.92 -19.75 18.10
CA ASP B 206 -9.68 -20.97 17.35
C ASP B 206 -8.69 -20.69 16.23
N ARG B 207 -8.93 -19.61 15.47
CA ARG B 207 -8.10 -19.27 14.32
C ARG B 207 -6.86 -18.49 14.72
N THR B 208 -6.78 -18.07 15.99
CA THR B 208 -5.65 -17.26 16.43
C THR B 208 -4.95 -17.96 17.59
N ASP B 209 -4.46 -17.20 18.58
CA ASP B 209 -3.83 -17.73 19.77
C ASP B 209 -4.28 -16.89 20.97
N ILE B 210 -3.83 -17.30 22.16
CA ILE B 210 -4.32 -16.82 23.44
C ILE B 210 -3.88 -15.37 23.68
N HIS B 211 -2.59 -15.05 23.45
CA HIS B 211 -2.10 -13.69 23.57
C HIS B 211 -2.90 -12.76 22.62
N THR B 212 -3.03 -13.20 21.35
CA THR B 212 -3.72 -12.43 20.32
C THR B 212 -5.18 -12.17 20.68
N PHE B 213 -5.87 -13.24 21.12
CA PHE B 213 -7.27 -13.14 21.51
C PHE B 213 -7.40 -12.05 22.57
N HIS B 214 -6.51 -12.05 23.57
CA HIS B 214 -6.59 -11.02 24.60
C HIS B 214 -6.39 -9.64 23.97
N ARG B 215 -5.33 -9.49 23.15
CA ARG B 215 -5.04 -8.19 22.57
C ARG B 215 -6.24 -7.68 21.76
N PHE B 216 -6.98 -8.60 21.10
CA PHE B 216 -8.01 -8.18 20.18
C PHE B 216 -9.12 -7.48 20.96
N TYR B 217 -9.68 -8.17 21.96
CA TYR B 217 -10.73 -7.57 22.77
C TYR B 217 -10.29 -6.31 23.51
N GLN B 218 -9.04 -6.29 24.00
CA GLN B 218 -8.50 -5.08 24.61
C GLN B 218 -8.59 -3.94 23.58
N TYR B 219 -8.17 -4.24 22.34
CA TYR B 219 -8.26 -3.33 21.20
C TYR B 219 -9.70 -2.84 20.95
N LEU B 220 -10.67 -3.77 20.92
CA LEU B 220 -12.07 -3.46 20.64
C LEU B 220 -12.62 -2.45 21.65
N ALA B 221 -12.44 -2.76 22.94
CA ALA B 221 -12.80 -1.86 24.03
C ALA B 221 -12.10 -0.53 23.83
N HIS B 222 -10.78 -0.57 23.59
CA HIS B 222 -10.02 0.67 23.48
C HIS B 222 -10.55 1.55 22.36
N SER B 223 -10.81 0.97 21.19
CA SER B 223 -11.09 1.78 20.01
C SER B 223 -12.53 2.27 20.00
N LYS B 224 -13.49 1.53 20.61
CA LYS B 224 -14.84 2.06 20.87
C LYS B 224 -14.74 3.48 21.41
N GLN B 225 -13.88 3.62 22.43
CA GLN B 225 -13.74 4.82 23.25
C GLN B 225 -13.00 5.93 22.47
N VAL B 226 -12.20 5.58 21.47
CA VAL B 226 -11.68 6.58 20.54
C VAL B 226 -12.80 7.01 19.59
N PHE B 227 -13.69 6.10 19.17
CA PHE B 227 -14.79 6.46 18.29
C PHE B 227 -15.80 7.38 19.00
N ARG B 228 -16.01 7.16 20.31
CA ARG B 228 -16.89 8.02 21.08
C ARG B 228 -16.30 9.43 21.17
N GLU B 229 -15.01 9.56 21.47
CA GLU B 229 -14.38 10.86 21.70
C GLU B 229 -13.92 11.53 20.41
N ALA B 230 -13.51 10.76 19.40
CA ALA B 230 -12.69 11.33 18.34
C ALA B 230 -13.42 11.43 16.99
N ALA B 231 -14.52 10.68 16.79
CA ALA B 231 -15.06 10.45 15.45
C ALA B 231 -15.74 11.70 14.89
N GLN B 232 -15.17 12.24 13.79
CA GLN B 232 -15.73 13.36 13.05
C GLN B 232 -16.99 12.93 12.30
N ASN B 233 -17.84 13.91 11.99
CA ASN B 233 -19.04 13.69 11.21
C ASN B 233 -18.71 13.77 9.72
N PRO B 234 -19.43 13.01 8.86
CA PRO B 234 -19.16 13.02 7.41
C PRO B 234 -19.19 14.42 6.81
N GLU B 235 -20.07 15.29 7.34
CA GLU B 235 -20.23 16.68 6.92
C GLU B 235 -18.97 17.50 7.18
N GLU B 236 -18.29 17.21 8.30
CA GLU B 236 -17.09 17.96 8.66
C GLU B 236 -15.98 17.63 7.67
N VAL B 237 -15.85 16.34 7.36
CA VAL B 237 -14.85 15.86 6.41
C VAL B 237 -15.14 16.38 4.99
N ALA B 238 -16.40 16.25 4.57
CA ALA B 238 -16.86 16.85 3.32
C ALA B 238 -16.35 18.29 3.22
N GLU B 239 -16.32 18.97 4.36
CA GLU B 239 -15.96 20.39 4.37
C GLU B 239 -14.48 20.55 4.06
N VAL B 240 -13.68 19.55 4.45
CA VAL B 240 -12.25 19.67 4.20
C VAL B 240 -11.99 19.40 2.73
N PHE B 241 -12.79 18.54 2.09
CA PHE B 241 -12.66 18.36 0.64
C PHE B 241 -12.90 19.66 -0.10
N LEU B 242 -13.79 20.51 0.45
CA LEU B 242 -14.06 21.81 -0.16
C LEU B 242 -12.82 22.71 -0.15
N THR B 243 -12.23 22.90 1.02
CA THR B 243 -10.95 23.62 1.11
C THR B 243 -9.98 23.15 0.03
N ALA B 244 -9.77 21.83 -0.03
CA ALA B 244 -8.85 21.24 -0.98
C ALA B 244 -9.30 21.58 -2.40
N LEU B 245 -10.60 21.35 -2.67
CA LEU B 245 -11.28 21.71 -3.92
C LEU B 245 -10.85 23.10 -4.42
N ARG B 246 -10.88 24.06 -3.47
CA ARG B 246 -10.83 25.48 -3.75
C ARG B 246 -9.39 25.98 -3.81
N ALA B 247 -8.51 25.37 -2.99
CA ALA B 247 -7.15 25.84 -2.79
C ALA B 247 -6.52 26.24 -4.12
N PRO B 248 -5.91 27.45 -4.25
CA PRO B 248 -5.34 27.89 -5.54
C PRO B 248 -4.21 26.99 -6.06
N LYS B 249 -3.32 26.55 -5.14
CA LYS B 249 -2.41 25.42 -5.35
C LYS B 249 -2.62 24.43 -4.22
N PRO B 250 -3.33 23.31 -4.46
CA PRO B 250 -3.60 22.35 -3.39
C PRO B 250 -2.30 21.58 -3.10
N THR B 251 -2.09 21.27 -1.80
CA THR B 251 -1.06 20.36 -1.35
C THR B 251 -1.44 18.90 -1.67
N LEU B 252 -0.44 18.02 -1.51
CA LEU B 252 -0.66 16.59 -1.67
C LEU B 252 -1.57 16.03 -0.58
N ARG B 253 -1.56 16.59 0.63
CA ARG B 253 -2.33 16.04 1.74
C ARG B 253 -2.99 17.16 2.53
N TYR B 254 -4.20 16.88 3.04
CA TYR B 254 -4.97 17.72 3.94
C TYR B 254 -5.47 16.84 5.06
N PHE B 255 -5.45 17.36 6.28
CA PHE B 255 -5.85 16.64 7.47
C PHE B 255 -7.18 17.17 7.94
N THR B 256 -8.01 16.29 8.50
CA THR B 256 -9.33 16.66 8.96
C THR B 256 -9.31 16.92 10.46
N THR B 257 -8.17 16.63 11.10
CA THR B 257 -8.05 16.63 12.56
C THR B 257 -6.59 16.75 12.96
N GLU B 258 -6.42 17.26 14.20
CA GLU B 258 -5.15 17.60 14.80
C GLU B 258 -4.66 16.43 15.67
N ARG B 259 -5.64 15.63 16.11
CA ARG B 259 -5.55 14.79 17.28
C ARG B 259 -4.41 13.76 17.22
N PHE B 260 -4.06 13.28 16.02
CA PHE B 260 -3.13 12.16 15.88
C PHE B 260 -1.80 12.64 15.32
N LEU B 261 -1.64 13.98 15.22
CA LEU B 261 -0.39 14.58 14.75
C LEU B 261 0.76 14.34 15.74
N PRO B 262 0.52 14.11 17.06
CA PRO B 262 1.56 13.65 17.99
C PRO B 262 2.13 12.26 17.71
N LEU B 263 1.24 11.25 17.69
CA LEU B 263 1.56 9.88 17.33
C LEU B 263 2.21 9.80 15.96
N LEU B 264 1.81 10.69 15.03
CA LEU B 264 2.40 10.75 13.71
C LEU B 264 3.81 11.32 13.74
N ARG B 265 4.09 12.25 14.66
CA ARG B 265 5.39 12.92 14.66
C ARG B 265 6.45 12.04 15.32
N MET B 266 6.02 11.06 16.13
CA MET B 266 6.89 10.03 16.69
C MET B 266 7.35 9.04 15.63
N ARG B 267 6.54 8.87 14.57
CA ARG B 267 6.81 7.96 13.46
C ARG B 267 7.87 8.55 12.52
N LEU B 268 7.61 9.77 12.07
CA LEU B 268 8.48 10.46 11.13
C LEU B 268 9.85 10.70 11.75
N ASP B 269 9.90 10.90 13.10
CA ASP B 269 11.13 11.13 13.86
C ASP B 269 12.10 9.94 13.84
N ASP B 270 11.59 8.72 14.15
CA ASP B 270 12.39 7.51 14.17
CA ASP B 270 12.41 7.51 14.17
C ASP B 270 12.16 6.68 12.91
N PRO B 271 12.92 6.86 11.81
CA PRO B 271 12.68 6.06 10.60
C PRO B 271 12.85 4.57 10.85
N SER B 272 13.67 4.19 11.85
CA SER B 272 13.80 2.80 12.30
C SER B 272 12.45 2.23 12.74
N GLY B 273 11.56 3.11 13.21
CA GLY B 273 10.20 2.71 13.53
C GLY B 273 10.04 2.21 14.96
N SER B 274 11.13 2.01 15.71
CA SER B 274 10.97 1.41 17.04
C SER B 274 10.21 2.36 17.99
N ASN B 275 10.48 3.68 17.91
CA ASN B 275 9.74 4.67 18.67
C ASN B 275 8.25 4.66 18.33
N TYR B 276 7.90 4.76 17.04
CA TYR B 276 6.48 4.77 16.74
C TYR B 276 5.84 3.49 17.30
N VAL B 277 6.46 2.33 17.09
CA VAL B 277 5.80 1.08 17.43
C VAL B 277 5.47 1.02 18.91
N THR B 278 6.43 1.43 19.77
CA THR B 278 6.24 1.30 21.19
C THR B 278 5.18 2.31 21.63
N ALA B 279 5.28 3.53 21.08
CA ALA B 279 4.26 4.52 21.36
C ALA B 279 2.87 3.91 21.13
N MET B 280 2.61 3.42 19.91
CA MET B 280 1.26 3.07 19.50
C MET B 280 0.80 1.82 20.26
N HIS B 281 1.74 0.96 20.62
CA HIS B 281 1.41 -0.17 21.46
C HIS B 281 0.88 0.30 22.81
N ARG B 282 1.51 1.34 23.36
CA ARG B 282 1.15 1.82 24.68
C ARG B 282 -0.21 2.51 24.56
N GLU B 283 -0.31 3.45 23.59
CA GLU B 283 -1.51 4.25 23.37
C GLU B 283 -2.74 3.35 23.22
N VAL B 284 -2.55 2.19 22.61
CA VAL B 284 -3.66 1.31 22.27
C VAL B 284 -3.97 0.32 23.41
N PHE B 285 -2.91 -0.23 24.01
CA PHE B 285 -3.00 -1.33 24.94
C PHE B 285 -2.85 -0.86 26.40
N GLY B 286 -2.40 0.39 26.60
CA GLY B 286 -2.73 1.14 27.81
C GLY B 286 -2.13 0.52 29.07
O5B NAD C . 13.13 -10.44 -7.89
C5B NAD C . 11.97 -10.78 -7.08
C4B NAD C . 11.83 -12.28 -6.94
O4B NAD C . 10.44 -12.64 -6.68
C3B NAD C . 12.24 -13.12 -8.17
O3B NAD C . 13.25 -14.07 -7.88
C2B NAD C . 10.94 -13.82 -8.60
O2B NAD C . 11.17 -15.13 -9.11
C1B NAD C . 10.17 -13.87 -7.29
N9A NAD C . 8.72 -14.08 -7.47
C8A NAD C . 7.91 -13.42 -8.37
N7A NAD C . 6.68 -13.87 -8.40
C5A NAD C . 6.65 -14.89 -7.44
C6A NAD C . 5.62 -15.75 -7.00
N6A NAD C . 4.37 -15.71 -7.47
N1A NAD C . 5.94 -16.70 -6.05
C2A NAD C . 7.20 -16.73 -5.61
N3A NAD C . 8.26 -15.99 -5.97
C4A NAD C . 7.91 -15.05 -6.90
O5B NAD D . -18.60 4.29 2.81
C5B NAD D . -18.19 3.26 1.86
C4B NAD D . -18.72 3.56 0.48
O4B NAD D . -17.94 2.81 -0.48
C3B NAD D . -20.20 3.17 0.22
O3B NAD D . -20.97 4.22 -0.37
C2B NAD D . -20.07 1.99 -0.75
O2B NAD D . -21.18 1.83 -1.62
C1B NAD D . -18.81 2.38 -1.50
N9A NAD D . -18.26 1.28 -2.29
C8A NAD D . -17.96 0.02 -1.83
N7A NAD D . -17.62 -0.81 -2.79
C5A NAD D . -17.72 -0.05 -3.97
C6A NAD D . -17.49 -0.36 -5.33
N6A NAD D . -17.10 -1.56 -5.77
N1A NAD D . -17.70 0.63 -6.24
C2A NAD D . -18.09 1.83 -5.81
N3A NAD D . -18.35 2.22 -4.56
C4A NAD D . -18.14 1.23 -3.66
C2 J3Z E . -8.72 4.69 15.05
C4 J3Z E . -8.38 3.55 17.34
C5 J3Z E . -6.90 3.93 17.29
C6 J3Z E . -6.02 2.76 16.78
O1 J3Z E . -6.40 3.83 19.67
O3 J3Z E . -10.70 4.30 9.69
C7 J3Z E . -6.25 4.36 18.60
C8 J3Z E . -5.32 5.54 18.33
C9 J3Z E . -5.35 5.74 16.81
C10 J3Z E . -6.76 5.23 16.48
C12 J3Z E . -7.23 5.09 15.05
C3 J3Z E . -8.98 3.46 15.94
C14 J3Z E . -7.05 6.38 14.25
C15 J3Z E . -7.45 6.18 12.79
C16 J3Z E . -8.65 5.30 12.56
C21 J3Z E . -9.25 4.59 13.62
C17 J3Z E . -9.14 5.20 11.26
C18 J3Z E . -10.21 4.39 10.96
C19 J3Z E . -10.83 3.66 11.97
C20 J3Z E . -10.34 3.77 13.28
#